data_6PAK
#
_entry.id   6PAK
#
_cell.length_a   74.247
_cell.length_b   80.475
_cell.length_c   86.920
_cell.angle_alpha   90.00
_cell.angle_beta   90.00
_cell.angle_gamma   90.00
#
_symmetry.space_group_name_H-M   'P 21 21 21'
#
loop_
_entity.id
_entity.type
_entity.pdbx_description
1 polymer 'Subtilisin E'
2 non-polymer 'CALCIUM ION'
3 non-polymer 1,2-ETHANEDIOL
4 water water
#
_entity_poly.entity_id   1
_entity_poly.type   'polypeptide(L)'
_entity_poly.pdbx_seq_one_letter_code
;AQSVPYGISQIKAPALHSQGYTGSNVKVAVIDSGIDSSHPDLNVRGGASFVPSETNPYQDGSSHGTHVAGTIAALNNSIG
VLGVAPSASLYAVKVLDSTGSGQYSWIINGIEWAISNNMDVINMSLGGPSGSTALKTVVDKAVSSGIVVAAAAGNEGQHP
KEGSTVGYPAKYPSTIAVGAVNSSNQRASFSSAGSELDVMAPGVSIQSTLPGGTYGAYNGTCMATPHVAGAAALILSKHP
TWTNAQVRDRLESTATYLGNSFYYGKGLINVQAAAQSLEHHHHHH
;
_entity_poly.pdbx_strand_id   A,B
#
loop_
_chem_comp.id
_chem_comp.type
_chem_comp.name
_chem_comp.formula
CA non-polymer 'CALCIUM ION' 'Ca 2'
EDO non-polymer 1,2-ETHANEDIOL 'C2 H6 O2'
#
# COMPACT_ATOMS: atom_id res chain seq x y z
N ALA A 1 -7.59 6.96 -35.83
CA ALA A 1 -8.26 6.08 -34.82
C ALA A 1 -7.23 5.46 -33.89
N GLN A 2 -7.72 4.85 -32.81
CA GLN A 2 -6.85 4.32 -31.76
C GLN A 2 -6.70 2.81 -31.88
N SER A 3 -5.47 2.34 -31.75
CA SER A 3 -5.16 0.92 -31.71
C SER A 3 -4.76 0.51 -30.29
N VAL A 4 -4.97 -0.76 -29.97
CA VAL A 4 -4.55 -1.33 -28.71
C VAL A 4 -3.40 -2.28 -29.00
N PRO A 5 -2.15 -1.92 -28.68
CA PRO A 5 -1.03 -2.84 -28.93
C PRO A 5 -1.26 -4.18 -28.25
N TYR A 6 -0.77 -5.25 -28.89
CA TYR A 6 -1.07 -6.59 -28.42
C TYR A 6 -0.63 -6.79 -26.97
N GLY A 7 0.49 -6.19 -26.58
CA GLY A 7 1.01 -6.42 -25.24
C GLY A 7 0.07 -5.96 -24.15
N ILE A 8 -0.75 -4.95 -24.42
CA ILE A 8 -1.72 -4.48 -23.45
C ILE A 8 -2.74 -5.57 -23.17
N SER A 9 -3.20 -6.26 -24.21
CA SER A 9 -4.16 -7.34 -24.04
C SER A 9 -3.49 -8.58 -23.45
N GLN A 10 -2.25 -8.84 -23.85
CA GLN A 10 -1.58 -10.07 -23.43
C GLN A 10 -1.46 -10.16 -21.91
N ILE A 11 -1.25 -9.02 -21.24
CA ILE A 11 -1.18 -9.03 -19.78
C ILE A 11 -2.55 -8.84 -19.14
N LYS A 12 -3.60 -8.72 -19.92
CA LYS A 12 -4.98 -8.65 -19.43
C LYS A 12 -5.29 -7.35 -18.71
N ALA A 13 -4.73 -6.24 -19.19
CA ALA A 13 -5.08 -4.94 -18.65
C ALA A 13 -6.50 -4.53 -19.02
N PRO A 14 -7.02 -4.89 -20.20
CA PRO A 14 -8.39 -4.47 -20.54
C PRO A 14 -9.43 -4.95 -19.54
N ALA A 15 -9.18 -6.08 -18.88
CA ALA A 15 -10.12 -6.55 -17.86
C ALA A 15 -10.26 -5.52 -16.74
N LEU A 16 -9.15 -4.88 -16.35
CA LEU A 16 -9.23 -3.83 -15.33
C LEU A 16 -9.88 -2.56 -15.87
N HIS A 17 -9.58 -2.20 -17.12
CA HIS A 17 -10.29 -1.08 -17.74
C HIS A 17 -11.79 -1.29 -17.68
N SER A 18 -12.24 -2.51 -18.00
CA SER A 18 -13.67 -2.81 -17.98
C SER A 18 -14.24 -2.69 -16.56
N GLN A 19 -13.45 -2.99 -15.55
CA GLN A 19 -13.88 -2.80 -14.17
C GLN A 19 -13.87 -1.34 -13.76
N GLY A 20 -13.40 -0.45 -14.62
CA GLY A 20 -13.31 0.96 -14.29
C GLY A 20 -12.01 1.38 -13.64
N TYR A 21 -10.95 0.59 -13.78
CA TYR A 21 -9.66 0.88 -13.16
C TYR A 21 -8.63 1.12 -14.26
N THR A 22 -7.99 2.30 -14.23
CA THR A 22 -7.08 2.71 -15.28
C THR A 22 -5.83 3.37 -14.72
N GLY A 23 -5.57 3.21 -13.42
CA GLY A 23 -4.41 3.80 -12.81
C GLY A 23 -4.58 5.21 -12.30
N SER A 24 -5.80 5.71 -12.20
CA SER A 24 -6.07 7.06 -11.73
C SER A 24 -5.41 7.32 -10.38
N ASN A 25 -4.82 8.51 -10.24
CA ASN A 25 -4.27 9.01 -8.98
C ASN A 25 -3.11 8.16 -8.48
N VAL A 26 -2.45 7.44 -9.37
CA VAL A 26 -1.21 6.73 -9.07
C VAL A 26 -0.07 7.46 -9.79
N LYS A 27 0.97 7.81 -9.04
CA LYS A 27 2.08 8.59 -9.60
C LYS A 27 3.18 7.64 -10.07
N VAL A 28 3.52 7.73 -11.36
CA VAL A 28 4.48 6.87 -12.00
C VAL A 28 5.62 7.71 -12.54
N ALA A 29 6.83 7.45 -12.04
CA ALA A 29 8.03 8.13 -12.52
C ALA A 29 8.69 7.31 -13.62
N VAL A 30 8.87 7.91 -14.78
CA VAL A 30 9.58 7.29 -15.91
C VAL A 30 11.00 7.83 -15.87
N ILE A 31 11.92 7.07 -15.27
CA ILE A 31 13.31 7.45 -15.12
C ILE A 31 14.01 7.01 -16.39
N ASP A 32 14.24 7.94 -17.30
CA ASP A 32 14.66 7.61 -18.65
C ASP A 32 15.18 8.84 -19.38
N SER A 33 14.95 8.91 -20.70
CA SER A 33 15.53 9.95 -21.54
C SER A 33 14.60 11.15 -21.74
N GLY A 34 13.66 11.37 -20.83
CA GLY A 34 12.65 12.39 -20.99
C GLY A 34 11.38 11.83 -21.60
N ILE A 35 10.36 12.68 -21.65
CA ILE A 35 9.09 12.34 -22.27
C ILE A 35 8.66 13.53 -23.12
N ASP A 36 8.41 13.30 -24.41
CA ASP A 36 7.86 14.35 -25.25
C ASP A 36 6.45 14.69 -24.79
N SER A 37 6.33 15.62 -23.84
CA SER A 37 5.02 15.97 -23.30
C SER A 37 4.09 16.58 -24.35
N SER A 38 4.64 17.10 -25.44
CA SER A 38 3.80 17.67 -26.50
C SER A 38 3.10 16.58 -27.32
N HIS A 39 3.46 15.31 -27.16
CA HIS A 39 2.79 14.25 -27.89
C HIS A 39 1.31 14.26 -27.54
N PRO A 40 0.41 14.29 -28.54
CA PRO A 40 -1.02 14.40 -28.22
C PRO A 40 -1.60 13.18 -27.51
N ASP A 41 -0.89 12.04 -27.48
CA ASP A 41 -1.38 10.84 -26.81
C ASP A 41 -0.73 10.62 -25.45
N LEU A 42 -0.10 11.64 -24.89
CA LEU A 42 0.52 11.56 -23.57
C LEU A 42 0.17 12.78 -22.74
N ASN A 43 -0.08 12.56 -21.46
CA ASN A 43 -0.27 13.65 -20.50
C ASN A 43 0.79 13.52 -19.41
N VAL A 44 1.80 14.38 -19.49
CA VAL A 44 2.86 14.45 -18.50
C VAL A 44 2.52 15.52 -17.49
N ARG A 45 2.45 15.15 -16.20
CA ARG A 45 2.01 16.08 -15.18
C ARG A 45 3.15 16.94 -14.66
N GLY A 46 4.37 16.42 -14.72
CA GLY A 46 5.51 17.11 -14.14
C GLY A 46 6.76 16.34 -14.51
N GLY A 47 7.88 16.82 -13.99
CA GLY A 47 9.13 16.14 -14.25
C GLY A 47 10.31 16.92 -13.71
N ALA A 48 11.48 16.35 -13.96
CA ALA A 48 12.74 16.95 -13.53
C ALA A 48 13.84 16.31 -14.36
N SER A 49 14.81 17.12 -14.75
CA SER A 49 15.98 16.63 -15.47
C SER A 49 17.21 16.69 -14.58
N PHE A 50 18.04 15.65 -14.67
CA PHE A 50 19.31 15.60 -13.95
C PHE A 50 20.46 15.33 -14.91
N VAL A 51 20.21 15.53 -16.20
CA VAL A 51 21.26 15.49 -17.22
C VAL A 51 21.83 16.90 -17.32
N PRO A 52 23.07 17.13 -16.89
CA PRO A 52 23.62 18.50 -16.93
C PRO A 52 23.50 19.17 -18.30
N SER A 53 23.62 18.41 -19.39
CA SER A 53 23.64 19.01 -20.72
C SER A 53 22.25 19.25 -21.30
N GLU A 54 21.21 18.57 -20.79
CA GLU A 54 19.86 18.67 -21.34
C GLU A 54 18.89 18.89 -20.19
N THR A 55 18.61 20.15 -19.90
CA THR A 55 17.88 20.51 -18.69
C THR A 55 16.36 20.47 -18.85
N ASN A 56 15.86 20.15 -20.05
CA ASN A 56 14.43 20.10 -20.27
C ASN A 56 13.98 18.65 -20.27
N PRO A 57 13.25 18.20 -19.24
CA PRO A 57 12.86 16.79 -19.20
C PRO A 57 11.72 16.43 -20.13
N TYR A 58 11.06 17.42 -20.73
CA TYR A 58 9.90 17.19 -21.57
C TYR A 58 10.27 17.13 -23.05
N GLN A 59 11.57 17.18 -23.37
CA GLN A 59 12.06 16.93 -24.72
C GLN A 59 12.87 15.65 -24.69
N ASP A 60 12.62 14.76 -25.65
CA ASP A 60 13.20 13.43 -25.66
C ASP A 60 13.95 13.28 -26.97
N GLY A 61 15.27 13.49 -26.94
CA GLY A 61 16.09 13.35 -28.12
C GLY A 61 16.46 11.94 -28.47
N SER A 62 16.24 11.01 -27.55
CA SER A 62 16.45 9.60 -27.82
C SER A 62 15.21 8.93 -28.40
N SER A 63 14.04 9.26 -27.88
CA SER A 63 12.74 8.64 -28.15
C SER A 63 12.48 7.51 -27.15
N HIS A 64 13.49 7.06 -26.42
CA HIS A 64 13.36 5.93 -25.51
C HIS A 64 12.29 6.19 -24.46
N GLY A 65 12.45 7.26 -23.68
CA GLY A 65 11.51 7.51 -22.59
C GLY A 65 10.09 7.72 -23.09
N THR A 66 9.94 8.38 -24.24
CA THR A 66 8.60 8.60 -24.78
C THR A 66 7.92 7.28 -25.14
N HIS A 67 8.67 6.37 -25.76
CA HIS A 67 8.13 5.04 -26.07
C HIS A 67 7.74 4.30 -24.79
N VAL A 68 8.64 4.29 -23.81
CA VAL A 68 8.33 3.69 -22.51
C VAL A 68 7.07 4.31 -21.93
N ALA A 69 6.99 5.64 -21.93
CA ALA A 69 5.85 6.30 -21.31
C ALA A 69 4.54 5.93 -21.98
N GLY A 70 4.55 5.72 -23.30
CA GLY A 70 3.34 5.35 -24.00
C GLY A 70 2.84 3.97 -23.64
N THR A 71 3.75 3.02 -23.38
CA THR A 71 3.33 1.71 -22.92
C THR A 71 2.68 1.80 -21.55
N ILE A 72 3.15 2.70 -20.70
CA ILE A 72 2.57 2.85 -19.38
C ILE A 72 1.20 3.50 -19.46
N ALA A 73 1.08 4.60 -20.23
CA ALA A 73 -0.05 5.50 -20.03
C ALA A 73 -0.42 6.32 -21.25
N ALA A 74 -0.23 5.79 -22.46
CA ALA A 74 -0.82 6.41 -23.63
C ALA A 74 -2.32 6.58 -23.38
N LEU A 75 -2.83 7.77 -23.70
CA LEU A 75 -4.19 8.14 -23.31
C LEU A 75 -5.22 7.34 -24.08
N ASN A 76 -6.36 7.10 -23.43
CA ASN A 76 -7.51 6.49 -24.09
C ASN A 76 -8.27 7.60 -24.80
N ASN A 77 -8.21 7.61 -26.14
CA ASN A 77 -8.81 8.70 -26.89
C ASN A 77 -9.02 8.22 -28.34
N SER A 78 -8.97 9.14 -29.29
CA SER A 78 -9.30 8.83 -30.67
C SER A 78 -8.07 8.57 -31.53
N ILE A 79 -6.88 8.52 -30.93
CA ILE A 79 -5.65 8.47 -31.69
C ILE A 79 -4.64 7.51 -31.08
N GLY A 80 -3.63 7.17 -31.90
CA GLY A 80 -2.45 6.52 -31.39
C GLY A 80 -2.77 5.18 -30.77
N VAL A 81 -2.24 4.97 -29.57
CA VAL A 81 -2.31 3.68 -28.90
C VAL A 81 -2.97 3.83 -27.54
N LEU A 82 -2.84 2.81 -26.69
CA LEU A 82 -3.45 2.78 -25.37
C LEU A 82 -2.46 2.16 -24.39
N GLY A 83 -2.20 2.86 -23.29
CA GLY A 83 -1.31 2.36 -22.28
C GLY A 83 -1.96 1.32 -21.38
N VAL A 84 -1.13 0.67 -20.55
CA VAL A 84 -1.64 -0.26 -19.56
C VAL A 84 -2.51 0.46 -18.53
N ALA A 85 -2.08 1.65 -18.11
CA ALA A 85 -2.79 2.45 -17.12
C ALA A 85 -2.97 3.84 -17.71
N PRO A 86 -3.91 4.00 -18.64
CA PRO A 86 -4.01 5.29 -19.36
C PRO A 86 -4.40 6.47 -18.49
N SER A 87 -4.76 6.24 -17.23
CA SER A 87 -5.11 7.33 -16.33
C SER A 87 -4.01 7.66 -15.32
N ALA A 88 -2.88 6.97 -15.39
CA ALA A 88 -1.79 7.21 -14.45
C ALA A 88 -1.22 8.62 -14.59
N SER A 89 -0.79 9.19 -13.47
CA SER A 89 -0.08 10.46 -13.47
C SER A 89 1.38 10.20 -13.82
N LEU A 90 1.80 10.69 -14.99
CA LEU A 90 3.12 10.44 -15.53
C LEU A 90 4.08 11.57 -15.18
N TYR A 91 5.31 11.21 -14.82
CA TYR A 91 6.34 12.19 -14.50
C TYR A 91 7.62 11.87 -15.27
N ALA A 92 8.15 12.88 -15.94
CA ALA A 92 9.34 12.71 -16.76
C ALA A 92 10.56 12.99 -15.90
N VAL A 93 11.33 11.94 -15.61
CA VAL A 93 12.54 12.08 -14.80
C VAL A 93 13.73 11.78 -15.71
N LYS A 94 14.29 12.83 -16.32
CA LYS A 94 15.33 12.64 -17.31
C LYS A 94 16.66 12.38 -16.62
N VAL A 95 17.22 11.19 -16.85
CA VAL A 95 18.54 10.83 -16.34
C VAL A 95 19.43 10.27 -17.44
N LEU A 96 18.93 10.18 -18.66
CA LEU A 96 19.69 9.77 -19.83
C LEU A 96 19.63 10.92 -20.85
N ASP A 97 20.71 11.11 -21.59
CA ASP A 97 20.71 12.14 -22.61
C ASP A 97 20.21 11.56 -23.94
N SER A 98 20.33 12.34 -25.02
CA SER A 98 19.74 11.96 -26.30
C SER A 98 20.35 10.70 -26.88
N THR A 99 21.51 10.26 -26.39
CA THR A 99 22.09 9.00 -26.87
C THR A 99 21.44 7.79 -26.22
N GLY A 100 20.51 7.99 -25.30
CA GLY A 100 19.92 6.89 -24.56
C GLY A 100 20.78 6.37 -23.43
N SER A 101 21.87 7.04 -23.10
CA SER A 101 22.76 6.64 -22.02
C SER A 101 22.83 7.74 -20.97
N GLY A 102 23.32 7.37 -19.79
CA GLY A 102 23.49 8.33 -18.71
C GLY A 102 24.47 7.79 -17.69
N GLN A 103 24.87 8.66 -16.77
CA GLN A 103 25.74 8.28 -15.69
C GLN A 103 24.93 7.85 -14.47
N TYR A 104 25.51 6.93 -13.68
CA TYR A 104 24.80 6.46 -12.49
C TYR A 104 24.48 7.61 -11.56
N SER A 105 25.26 8.70 -11.60
CA SER A 105 25.00 9.84 -10.72
C SER A 105 23.70 10.54 -11.11
N TRP A 106 23.44 10.69 -12.41
CA TRP A 106 22.19 11.30 -12.85
C TRP A 106 21.01 10.42 -12.47
N ILE A 107 21.15 9.11 -12.65
CA ILE A 107 20.07 8.18 -12.29
C ILE A 107 19.75 8.31 -10.80
N ILE A 108 20.79 8.36 -9.97
CA ILE A 108 20.60 8.45 -8.53
C ILE A 108 19.80 9.69 -8.17
N ASN A 109 20.14 10.84 -8.77
CA ASN A 109 19.37 12.06 -8.52
C ASN A 109 17.93 11.89 -8.95
N GLY A 110 17.69 11.24 -10.10
CA GLY A 110 16.33 10.96 -10.51
C GLY A 110 15.57 10.14 -9.50
N ILE A 111 16.20 9.09 -8.96
CA ILE A 111 15.54 8.26 -7.96
C ILE A 111 15.25 9.07 -6.71
N GLU A 112 16.23 9.85 -6.25
CA GLU A 112 16.01 10.70 -5.08
C GLU A 112 14.86 11.67 -5.31
N TRP A 113 14.77 12.24 -6.51
CA TRP A 113 13.63 13.11 -6.84
C TRP A 113 12.33 12.33 -6.73
N ALA A 114 12.31 11.08 -7.21
CA ALA A 114 11.10 10.27 -7.10
C ALA A 114 10.70 10.04 -5.65
N ILE A 115 11.70 9.79 -4.79
CA ILE A 115 11.41 9.61 -3.37
C ILE A 115 10.86 10.89 -2.76
N SER A 116 11.58 12.00 -2.96
CA SER A 116 11.20 13.26 -2.33
C SER A 116 9.80 13.71 -2.75
N ASN A 117 9.34 13.31 -3.93
CA ASN A 117 8.07 13.77 -4.46
C ASN A 117 7.00 12.69 -4.42
N ASN A 118 7.22 11.62 -3.66
CA ASN A 118 6.19 10.66 -3.29
C ASN A 118 5.59 9.95 -4.51
N MET A 119 6.46 9.55 -5.42
CA MET A 119 6.05 8.69 -6.52
C MET A 119 5.62 7.32 -5.98
N ASP A 120 4.62 6.73 -6.61
CA ASP A 120 4.16 5.40 -6.21
C ASP A 120 4.90 4.29 -6.94
N VAL A 121 5.26 4.53 -8.21
CA VAL A 121 5.86 3.52 -9.06
C VAL A 121 7.04 4.16 -9.80
N ILE A 122 8.15 3.42 -9.87
CA ILE A 122 9.31 3.83 -10.65
C ILE A 122 9.53 2.82 -11.76
N ASN A 123 9.60 3.30 -12.99
CA ASN A 123 9.98 2.50 -14.14
C ASN A 123 11.41 2.85 -14.53
N MET A 124 12.29 1.85 -14.53
CA MET A 124 13.68 2.04 -14.95
C MET A 124 13.98 1.04 -16.07
N SER A 125 13.69 1.47 -17.31
CA SER A 125 14.01 0.69 -18.50
C SER A 125 15.45 1.00 -18.92
N LEU A 126 16.37 0.69 -18.02
CA LEU A 126 17.77 1.02 -18.20
C LEU A 126 18.58 0.10 -17.29
N GLY A 127 19.89 0.12 -17.47
CA GLY A 127 20.76 -0.65 -16.63
C GLY A 127 22.14 -0.76 -17.24
N GLY A 128 23.01 -1.43 -16.50
CA GLY A 128 24.38 -1.61 -16.91
C GLY A 128 24.93 -2.87 -16.30
N PRO A 129 26.10 -3.31 -16.78
CA PRO A 129 26.67 -4.57 -16.28
C PRO A 129 27.42 -4.44 -14.97
N SER A 130 27.74 -3.23 -14.54
CA SER A 130 28.50 -2.99 -13.32
C SER A 130 27.62 -2.38 -12.24
N GLY A 131 27.80 -2.86 -11.01
CA GLY A 131 27.05 -2.36 -9.89
C GLY A 131 27.59 -1.03 -9.37
N SER A 132 26.97 -0.56 -8.30
CA SER A 132 27.37 0.68 -7.64
C SER A 132 26.74 0.69 -6.26
N THR A 133 27.55 0.81 -5.21
CA THR A 133 27.00 0.86 -3.87
C THR A 133 26.04 2.04 -3.73
N ALA A 134 26.41 3.20 -4.27
CA ALA A 134 25.52 4.35 -4.25
C ALA A 134 24.23 4.06 -4.97
N LEU A 135 24.29 3.31 -6.08
CA LEU A 135 23.08 2.94 -6.78
C LEU A 135 22.20 2.02 -5.94
N LYS A 136 22.77 0.94 -5.42
CA LYS A 136 21.98 0.04 -4.58
C LYS A 136 21.40 0.77 -3.38
N THR A 137 22.18 1.68 -2.78
CA THR A 137 21.70 2.41 -1.60
C THR A 137 20.47 3.24 -1.92
N VAL A 138 20.46 3.91 -3.08
CA VAL A 138 19.32 4.77 -3.40
C VAL A 138 18.13 3.94 -3.85
N VAL A 139 18.38 2.83 -4.55
CA VAL A 139 17.28 1.95 -4.98
C VAL A 139 16.60 1.33 -3.76
N ASP A 140 17.39 0.79 -2.82
CA ASP A 140 16.81 0.24 -1.61
C ASP A 140 16.05 1.31 -0.82
N LYS A 141 16.61 2.51 -0.73
CA LYS A 141 15.92 3.60 -0.04
C LYS A 141 14.55 3.84 -0.66
N ALA A 142 14.47 3.82 -1.99
CA ALA A 142 13.19 4.00 -2.66
C ALA A 142 12.21 2.90 -2.26
N VAL A 143 12.67 1.65 -2.27
CA VAL A 143 11.79 0.53 -1.98
C VAL A 143 11.36 0.56 -0.52
N SER A 144 12.29 0.83 0.40
CA SER A 144 11.92 0.97 1.80
C SER A 144 10.98 2.15 2.00
N SER A 145 10.96 3.12 1.08
CA SER A 145 10.03 4.23 1.14
C SER A 145 8.65 3.89 0.59
N GLY A 146 8.46 2.67 0.08
CA GLY A 146 7.16 2.23 -0.39
C GLY A 146 6.99 2.21 -1.89
N ILE A 147 8.01 2.51 -2.66
CA ILE A 147 7.90 2.65 -4.11
C ILE A 147 8.04 1.27 -4.74
N VAL A 148 7.15 0.97 -5.69
CA VAL A 148 7.30 -0.19 -6.56
C VAL A 148 8.31 0.18 -7.64
N VAL A 149 9.41 -0.57 -7.73
CA VAL A 149 10.47 -0.26 -8.67
C VAL A 149 10.59 -1.42 -9.64
N ALA A 150 10.26 -1.16 -10.90
CA ALA A 150 10.38 -2.14 -11.97
C ALA A 150 11.58 -1.77 -12.85
N ALA A 151 12.39 -2.76 -13.18
CA ALA A 151 13.67 -2.54 -13.85
C ALA A 151 13.87 -3.59 -14.93
N ALA A 152 14.39 -3.14 -16.07
CA ALA A 152 14.64 -4.04 -17.19
C ALA A 152 15.77 -4.99 -16.85
N ALA A 153 15.54 -6.30 -17.05
CA ALA A 153 16.55 -7.29 -16.73
C ALA A 153 17.78 -7.14 -17.60
N GLY A 154 17.63 -6.59 -18.80
CA GLY A 154 18.75 -6.43 -19.70
C GLY A 154 18.59 -7.19 -21.00
N ASN A 155 19.36 -6.82 -22.01
CA ASN A 155 19.26 -7.38 -23.35
C ASN A 155 20.54 -8.11 -23.74
N GLU A 156 21.09 -8.86 -22.79
CA GLU A 156 22.38 -9.52 -22.98
C GLU A 156 22.28 -11.04 -23.08
N GLY A 157 21.10 -11.56 -23.38
CA GLY A 157 20.95 -13.00 -23.40
C GLY A 157 21.20 -13.65 -24.72
N GLN A 158 21.47 -12.86 -25.75
CA GLN A 158 21.42 -13.36 -27.12
C GLN A 158 22.56 -14.32 -27.42
N HIS A 159 23.72 -14.15 -26.79
CA HIS A 159 24.84 -15.06 -26.98
C HIS A 159 25.00 -15.88 -25.71
N PRO A 160 24.65 -17.17 -25.74
CA PRO A 160 24.63 -17.94 -24.47
C PRO A 160 25.93 -17.79 -23.70
N LYS A 161 25.78 -17.47 -22.42
CA LYS A 161 26.89 -17.28 -21.52
C LYS A 161 26.70 -18.20 -20.33
N GLU A 162 27.76 -18.40 -19.56
CA GLU A 162 27.65 -19.05 -18.27
C GLU A 162 27.35 -17.99 -17.22
N GLY A 163 26.35 -18.26 -16.39
CA GLY A 163 25.99 -17.31 -15.35
C GLY A 163 24.94 -16.30 -15.79
N SER A 164 24.70 -15.36 -14.89
CA SER A 164 23.62 -14.39 -15.10
C SER A 164 24.05 -13.25 -16.00
N THR A 165 23.12 -12.82 -16.86
CA THR A 165 23.29 -11.63 -17.69
C THR A 165 22.37 -10.50 -17.25
N VAL A 166 21.75 -10.63 -16.07
CA VAL A 166 20.84 -9.61 -15.58
C VAL A 166 21.63 -8.40 -15.13
N GLY A 167 21.25 -7.23 -15.63
CA GLY A 167 21.98 -6.01 -15.33
C GLY A 167 21.50 -5.33 -14.07
N TYR A 168 22.24 -4.29 -13.69
CA TYR A 168 21.93 -3.45 -12.55
C TYR A 168 21.08 -2.26 -13.00
N PRO A 169 20.06 -1.85 -12.23
CA PRO A 169 19.68 -2.29 -10.89
C PRO A 169 18.66 -3.44 -10.83
N ALA A 170 18.31 -4.02 -11.99
CA ALA A 170 17.40 -5.15 -11.96
C ALA A 170 17.96 -6.30 -11.14
N LYS A 171 19.29 -6.42 -11.09
CA LYS A 171 19.91 -7.53 -10.37
C LYS A 171 19.66 -7.46 -8.86
N TYR A 172 19.40 -6.28 -8.31
CA TYR A 172 19.22 -6.16 -6.88
C TYR A 172 17.90 -6.80 -6.46
N PRO A 173 17.85 -7.45 -5.31
CA PRO A 173 16.59 -8.12 -4.91
C PRO A 173 15.43 -7.16 -4.72
N SER A 174 15.70 -5.90 -4.40
CA SER A 174 14.64 -4.95 -4.10
C SER A 174 13.87 -4.52 -5.34
N THR A 175 14.39 -4.78 -6.54
CA THR A 175 13.74 -4.38 -7.77
C THR A 175 13.11 -5.58 -8.46
N ILE A 176 12.03 -5.31 -9.19
CA ILE A 176 11.40 -6.30 -10.06
C ILE A 176 12.16 -6.31 -11.38
N ALA A 177 12.87 -7.41 -11.64
CA ALA A 177 13.59 -7.59 -12.90
C ALA A 177 12.64 -8.20 -13.93
N VAL A 178 12.52 -7.53 -15.08
CA VAL A 178 11.52 -7.87 -16.08
C VAL A 178 12.21 -8.29 -17.36
N GLY A 179 11.89 -9.50 -17.83
CA GLY A 179 12.36 -9.98 -19.11
C GLY A 179 11.28 -9.87 -20.17
N ALA A 180 11.64 -10.27 -21.40
CA ALA A 180 10.81 -10.03 -22.56
C ALA A 180 10.36 -11.32 -23.21
N VAL A 181 9.06 -11.42 -23.51
CA VAL A 181 8.51 -12.49 -24.32
C VAL A 181 7.88 -11.87 -25.57
N ASN A 182 7.59 -12.72 -26.54
CA ASN A 182 6.83 -12.30 -27.71
C ASN A 182 5.35 -12.63 -27.49
N SER A 183 4.54 -12.48 -28.54
CA SER A 183 3.10 -12.66 -28.40
C SER A 183 2.71 -14.12 -28.22
N SER A 184 3.61 -15.06 -28.47
CA SER A 184 3.38 -16.48 -28.20
C SER A 184 3.95 -16.88 -26.85
N ASN A 185 4.39 -15.92 -26.03
CA ASN A 185 4.95 -16.17 -24.71
C ASN A 185 6.32 -16.84 -24.77
N GLN A 186 6.99 -16.75 -25.92
CA GLN A 186 8.33 -17.28 -26.08
C GLN A 186 9.33 -16.23 -25.63
N ARG A 187 10.32 -16.64 -24.84
CA ARG A 187 11.37 -15.73 -24.41
C ARG A 187 12.11 -15.16 -25.62
N ALA A 188 12.29 -13.84 -25.63
CA ALA A 188 13.06 -13.21 -26.69
C ALA A 188 14.52 -13.65 -26.61
N SER A 189 15.13 -13.83 -27.78
CA SER A 189 16.50 -14.34 -27.82
C SER A 189 17.46 -13.44 -27.06
N PHE A 190 17.18 -12.13 -27.04
CA PHE A 190 18.07 -11.17 -26.38
C PHE A 190 17.79 -11.00 -24.91
N SER A 191 16.69 -11.56 -24.39
CA SER A 191 16.27 -11.31 -23.02
C SER A 191 17.30 -11.89 -22.05
N SER A 192 17.84 -11.03 -21.19
CA SER A 192 18.77 -11.50 -20.17
C SER A 192 18.09 -12.53 -19.27
N ALA A 193 18.90 -13.42 -18.70
CA ALA A 193 18.41 -14.50 -17.87
C ALA A 193 19.29 -14.62 -16.64
N GLY A 194 18.71 -15.14 -15.57
CA GLY A 194 19.42 -15.27 -14.31
C GLY A 194 18.47 -15.52 -13.16
N SER A 195 19.06 -15.89 -12.03
CA SER A 195 18.25 -16.16 -10.84
C SER A 195 17.54 -14.92 -10.33
N GLU A 196 18.03 -13.74 -10.68
CA GLU A 196 17.43 -12.48 -10.26
C GLU A 196 16.23 -12.09 -11.11
N LEU A 197 15.92 -12.86 -12.16
CA LEU A 197 14.78 -12.56 -13.00
C LEU A 197 13.49 -12.88 -12.25
N ASP A 198 12.52 -11.97 -12.35
CA ASP A 198 11.27 -12.08 -11.60
C ASP A 198 10.06 -12.38 -12.46
N VAL A 199 9.82 -11.60 -13.51
CA VAL A 199 8.65 -11.80 -14.36
C VAL A 199 9.01 -11.48 -15.81
N MET A 200 8.08 -11.80 -16.71
CA MET A 200 8.18 -11.50 -18.13
C MET A 200 7.00 -10.63 -18.51
N ALA A 201 7.19 -9.81 -19.55
CA ALA A 201 6.11 -9.02 -20.14
C ALA A 201 6.42 -8.87 -21.62
N PRO A 202 5.44 -8.46 -22.42
CA PRO A 202 5.68 -8.34 -23.87
C PRO A 202 6.81 -7.36 -24.15
N GLY A 203 7.78 -7.80 -24.93
CA GLY A 203 8.95 -7.00 -25.22
C GLY A 203 9.48 -7.17 -26.64
N VAL A 204 8.62 -7.60 -27.55
CA VAL A 204 8.98 -7.76 -28.95
C VAL A 204 7.97 -6.99 -29.79
N SER A 205 8.46 -6.08 -30.62
CA SER A 205 7.61 -5.35 -31.57
C SER A 205 6.49 -4.61 -30.83
N ILE A 206 6.89 -3.81 -29.84
CA ILE A 206 5.96 -3.08 -29.00
C ILE A 206 5.70 -1.73 -29.65
N GLN A 207 4.49 -1.54 -30.17
CA GLN A 207 4.10 -0.27 -30.75
C GLN A 207 3.78 0.72 -29.64
N SER A 208 4.40 1.90 -29.67
CA SER A 208 4.11 2.91 -28.67
C SER A 208 4.44 4.28 -29.24
N THR A 209 4.31 5.30 -28.40
CA THR A 209 4.45 6.68 -28.82
C THR A 209 5.90 7.04 -29.06
N LEU A 210 6.12 7.92 -30.03
CA LEU A 210 7.44 8.42 -30.37
C LEU A 210 7.39 9.94 -30.49
N PRO A 211 8.50 10.62 -30.18
CA PRO A 211 8.50 12.09 -30.24
C PRO A 211 8.03 12.58 -31.60
N GLY A 212 7.33 13.70 -31.60
CA GLY A 212 6.76 14.24 -32.81
C GLY A 212 5.34 13.81 -33.10
N GLY A 213 4.65 13.22 -32.13
CA GLY A 213 3.29 12.81 -32.33
C GLY A 213 3.12 11.61 -33.21
N THR A 214 4.15 10.79 -33.33
CA THR A 214 4.11 9.59 -34.17
C THR A 214 4.25 8.35 -33.29
N TYR A 215 4.40 7.19 -33.95
CA TYR A 215 4.35 5.90 -33.28
C TYR A 215 5.26 4.93 -34.00
N GLY A 216 5.77 3.95 -33.26
CA GLY A 216 6.68 2.97 -33.84
C GLY A 216 6.91 1.83 -32.87
N ALA A 217 7.49 0.75 -33.40
CA ALA A 217 7.67 -0.49 -32.67
C ALA A 217 9.16 -0.74 -32.37
N TYR A 218 9.42 -1.15 -31.12
CA TYR A 218 10.77 -1.46 -30.66
C TYR A 218 10.78 -2.82 -29.97
N ASN A 219 11.98 -3.39 -29.82
CA ASN A 219 12.20 -4.59 -29.04
C ASN A 219 13.10 -4.28 -27.84
N GLY A 220 12.87 -4.98 -26.74
CA GLY A 220 13.78 -4.97 -25.61
C GLY A 220 13.07 -5.25 -24.31
N THR A 221 13.84 -5.68 -23.31
CA THR A 221 13.31 -5.73 -21.95
C THR A 221 12.94 -4.33 -21.47
N CYS A 222 13.55 -3.29 -22.07
CA CYS A 222 13.17 -1.92 -21.79
C CYS A 222 11.71 -1.66 -22.16
N MET A 223 11.17 -2.41 -23.12
CA MET A 223 9.77 -2.31 -23.51
C MET A 223 8.86 -3.18 -22.65
N ALA A 224 9.39 -4.28 -22.10
CA ALA A 224 8.58 -5.11 -21.22
C ALA A 224 8.35 -4.42 -19.88
N THR A 225 9.38 -3.77 -19.35
CA THR A 225 9.29 -3.16 -18.02
C THR A 225 8.09 -2.23 -17.86
N PRO A 226 7.80 -1.30 -18.79
CA PRO A 226 6.63 -0.42 -18.59
C PRO A 226 5.31 -1.18 -18.55
N HIS A 227 5.25 -2.40 -19.09
CA HIS A 227 4.05 -3.21 -18.89
C HIS A 227 3.85 -3.52 -17.41
N VAL A 228 4.95 -3.77 -16.70
CA VAL A 228 4.88 -4.11 -15.28
C VAL A 228 4.64 -2.87 -14.44
N ALA A 229 5.34 -1.77 -14.73
CA ALA A 229 5.06 -0.51 -14.05
C ALA A 229 3.59 -0.13 -14.21
N GLY A 230 3.09 -0.19 -15.44
CA GLY A 230 1.68 0.11 -15.67
C GLY A 230 0.76 -0.82 -14.89
N ALA A 231 1.11 -2.11 -14.83
CA ALA A 231 0.30 -3.05 -14.07
C ALA A 231 0.26 -2.67 -12.60
N ALA A 232 1.38 -2.22 -12.06
CA ALA A 232 1.41 -1.77 -10.68
C ALA A 232 0.45 -0.61 -10.46
N ALA A 233 0.37 0.31 -11.43
CA ALA A 233 -0.54 1.44 -11.30
C ALA A 233 -1.99 1.00 -11.33
N LEU A 234 -2.36 0.10 -12.25
CA LEU A 234 -3.70 -0.44 -12.27
C LEU A 234 -4.05 -1.06 -10.91
N ILE A 235 -3.17 -1.93 -10.41
CA ILE A 235 -3.42 -2.62 -9.14
C ILE A 235 -3.64 -1.60 -8.03
N LEU A 236 -2.78 -0.58 -7.97
CA LEU A 236 -2.88 0.39 -6.89
C LEU A 236 -4.11 1.26 -7.02
N SER A 237 -4.56 1.53 -8.24
CA SER A 237 -5.81 2.29 -8.40
C SER A 237 -7.01 1.48 -7.90
N LYS A 238 -6.91 0.15 -7.91
CA LYS A 238 -7.96 -0.70 -7.37
C LYS A 238 -7.75 -1.02 -5.90
N HIS A 239 -6.49 -1.13 -5.47
CA HIS A 239 -6.13 -1.47 -4.10
C HIS A 239 -5.14 -0.45 -3.57
N PRO A 240 -5.59 0.79 -3.32
CA PRO A 240 -4.64 1.84 -2.92
C PRO A 240 -4.01 1.61 -1.56
N THR A 241 -4.48 0.63 -0.78
CA THR A 241 -3.86 0.35 0.51
C THR A 241 -2.74 -0.67 0.42
N TRP A 242 -2.58 -1.37 -0.70
CA TRP A 242 -1.57 -2.41 -0.79
C TRP A 242 -0.17 -1.80 -0.75
N THR A 243 0.73 -2.49 -0.06
CA THR A 243 2.14 -2.09 -0.02
C THR A 243 2.84 -2.47 -1.32
N ASN A 244 4.01 -1.87 -1.54
CA ASN A 244 4.79 -2.23 -2.72
C ASN A 244 5.22 -3.70 -2.66
N ALA A 245 5.34 -4.26 -1.46
CA ALA A 245 5.65 -5.68 -1.33
C ALA A 245 4.46 -6.54 -1.71
N GLN A 246 3.26 -6.16 -1.26
CA GLN A 246 2.05 -6.86 -1.68
C GLN A 246 1.88 -6.79 -3.19
N VAL A 247 2.04 -5.60 -3.76
CA VAL A 247 1.88 -5.43 -5.20
C VAL A 247 2.86 -6.34 -5.95
N ARG A 248 4.11 -6.39 -5.49
CA ARG A 248 5.09 -7.24 -6.15
C ARG A 248 4.75 -8.72 -5.99
N ASP A 249 4.38 -9.13 -4.76
CA ASP A 249 4.06 -10.53 -4.54
C ASP A 249 2.90 -10.98 -5.43
N ARG A 250 1.88 -10.13 -5.57
CA ARG A 250 0.74 -10.47 -6.42
C ARG A 250 1.16 -10.61 -7.87
N LEU A 251 1.94 -9.66 -8.38
CA LEU A 251 2.35 -9.72 -9.78
C LEU A 251 3.17 -10.97 -10.06
N GLU A 252 4.04 -11.34 -9.14
CA GLU A 252 4.89 -12.53 -9.33
C GLU A 252 4.10 -13.81 -9.12
N SER A 253 3.26 -13.87 -8.07
CA SER A 253 2.64 -15.13 -7.69
C SER A 253 1.48 -15.51 -8.60
N THR A 254 0.82 -14.54 -9.23
CA THR A 254 -0.27 -14.82 -10.15
C THR A 254 0.17 -14.83 -11.61
N ALA A 255 1.47 -14.74 -11.87
CA ALA A 255 1.94 -14.77 -13.25
C ALA A 255 1.62 -16.12 -13.87
N THR A 256 1.48 -16.12 -15.19
CA THR A 256 1.28 -17.36 -15.94
C THR A 256 2.63 -18.07 -16.10
N TYR A 257 2.75 -19.26 -15.51
CA TYR A 257 3.98 -20.01 -15.56
C TYR A 257 4.32 -20.40 -17.00
N LEU A 258 5.56 -20.13 -17.40
CA LEU A 258 6.01 -20.40 -18.76
C LEU A 258 7.16 -21.39 -18.85
N GLY A 259 7.72 -21.83 -17.72
CA GLY A 259 8.82 -22.77 -17.73
C GLY A 259 9.98 -22.25 -16.90
N ASN A 260 11.16 -22.83 -17.15
CA ASN A 260 12.35 -22.60 -16.35
C ASN A 260 12.48 -21.15 -15.90
N SER A 261 12.39 -20.92 -14.58
CA SER A 261 12.35 -19.56 -14.07
C SER A 261 13.66 -18.82 -14.29
N PHE A 262 14.76 -19.55 -14.50
CA PHE A 262 16.03 -18.91 -14.85
C PHE A 262 15.88 -18.06 -16.10
N TYR A 263 15.00 -18.47 -17.01
CA TYR A 263 14.77 -17.76 -18.25
C TYR A 263 13.47 -16.99 -18.27
N TYR A 264 12.52 -17.36 -17.42
CA TYR A 264 11.17 -16.81 -17.47
C TYR A 264 10.72 -16.22 -16.14
N GLY A 265 11.56 -16.24 -15.11
CA GLY A 265 11.09 -15.88 -13.79
C GLY A 265 9.85 -16.65 -13.42
N LYS A 266 8.93 -15.98 -12.73
CA LYS A 266 7.65 -16.62 -12.42
C LYS A 266 6.74 -16.72 -13.64
N GLY A 267 7.09 -16.07 -14.75
CA GLY A 267 6.27 -16.12 -15.93
C GLY A 267 5.71 -14.78 -16.36
N LEU A 268 4.67 -14.82 -17.18
CA LEU A 268 4.07 -13.63 -17.75
C LEU A 268 3.09 -13.01 -16.76
N ILE A 269 3.23 -11.71 -16.53
CA ILE A 269 2.36 -11.04 -15.59
C ILE A 269 0.92 -11.13 -16.09
N ASN A 270 -0.02 -11.16 -15.16
CA ASN A 270 -1.45 -11.28 -15.44
C ASN A 270 -2.11 -10.29 -14.48
N VAL A 271 -2.34 -9.06 -14.95
CA VAL A 271 -2.77 -8.03 -14.01
C VAL A 271 -4.20 -8.30 -13.54
N GLN A 272 -5.00 -9.00 -14.33
CA GLN A 272 -6.34 -9.36 -13.89
C GLN A 272 -6.28 -10.26 -12.65
N ALA A 273 -5.48 -11.32 -12.72
CA ALA A 273 -5.35 -12.23 -11.58
C ALA A 273 -4.66 -11.56 -10.41
N ALA A 274 -3.63 -10.76 -10.68
CA ALA A 274 -2.92 -10.08 -9.60
C ALA A 274 -3.86 -9.20 -8.77
N ALA A 275 -4.82 -8.55 -9.42
CA ALA A 275 -5.68 -7.58 -8.77
C ALA A 275 -7.03 -8.14 -8.34
N GLN A 276 -7.27 -9.44 -8.53
CA GLN A 276 -8.57 -9.98 -8.17
C GLN A 276 -8.72 -10.03 -6.65
N SER A 277 -9.94 -9.80 -6.19
CA SER A 277 -10.27 -9.75 -4.77
C SER A 277 -11.36 -10.71 -4.35
N ALA B 1 15.36 -9.95 19.17
CA ALA B 1 15.14 -8.76 20.05
C ALA B 1 13.81 -8.09 19.71
N GLN B 2 13.38 -7.15 20.55
CA GLN B 2 12.08 -6.51 20.41
C GLN B 2 12.26 -5.15 19.75
N SER B 3 11.41 -4.87 18.76
CA SER B 3 11.38 -3.57 18.12
C SER B 3 10.12 -2.82 18.55
N VAL B 4 10.20 -1.49 18.53
CA VAL B 4 9.04 -0.65 18.80
C VAL B 4 8.65 0.03 17.49
N PRO B 5 7.56 -0.37 16.84
CA PRO B 5 7.15 0.29 15.59
C PRO B 5 6.99 1.79 15.78
N TYR B 6 7.30 2.54 14.72
CA TYR B 6 7.35 3.99 14.81
C TYR B 6 6.03 4.56 15.34
N GLY B 7 4.90 3.97 14.92
CA GLY B 7 3.61 4.52 15.28
C GLY B 7 3.37 4.54 16.78
N ILE B 8 3.97 3.60 17.50
CA ILE B 8 3.82 3.58 18.95
C ILE B 8 4.47 4.83 19.55
N SER B 9 5.65 5.21 19.04
CA SER B 9 6.32 6.40 19.54
C SER B 9 5.63 7.66 19.06
N GLN B 10 5.13 7.66 17.82
CA GLN B 10 4.54 8.87 17.25
C GLN B 10 3.37 9.37 18.09
N ILE B 11 2.59 8.44 18.66
CA ILE B 11 1.48 8.85 19.50
C ILE B 11 1.88 9.01 20.96
N LYS B 12 3.15 8.79 21.27
CA LYS B 12 3.71 9.04 22.60
C LYS B 12 3.21 8.05 23.64
N ALA B 13 2.99 6.81 23.24
CA ALA B 13 2.60 5.77 24.19
C ALA B 13 3.75 5.41 25.12
N PRO B 14 5.01 5.45 24.66
CA PRO B 14 6.12 5.14 25.59
C PRO B 14 6.16 6.07 26.81
N ALA B 15 5.65 7.30 26.70
CA ALA B 15 5.62 8.18 27.86
C ALA B 15 4.74 7.58 28.96
N LEU B 16 3.60 7.00 28.60
CA LEU B 16 2.77 6.35 29.61
C LEU B 16 3.40 5.06 30.11
N HIS B 17 4.05 4.31 29.22
CA HIS B 17 4.80 3.13 29.66
C HIS B 17 5.78 3.52 30.75
N SER B 18 6.50 4.62 30.55
CA SER B 18 7.45 5.08 31.56
C SER B 18 6.76 5.46 32.85
N GLN B 19 5.53 5.97 32.76
CA GLN B 19 4.76 6.29 33.96
C GLN B 19 4.23 5.05 34.65
N GLY B 20 4.42 3.87 34.06
CA GLY B 20 3.93 2.64 34.65
C GLY B 20 2.52 2.25 34.23
N TYR B 21 2.02 2.79 33.13
CA TYR B 21 0.67 2.52 32.65
C TYR B 21 0.76 1.82 31.30
N THR B 22 0.15 0.64 31.21
CA THR B 22 0.24 -0.19 30.02
C THR B 22 -1.09 -0.82 29.65
N GLY B 23 -2.19 -0.34 30.21
CA GLY B 23 -3.49 -0.89 29.91
C GLY B 23 -3.90 -2.08 30.75
N SER B 24 -3.17 -2.35 31.83
CA SER B 24 -3.50 -3.48 32.70
C SER B 24 -4.95 -3.40 33.13
N ASN B 25 -5.63 -4.54 33.09
CA ASN B 25 -7.00 -4.68 33.59
C ASN B 25 -8.00 -3.84 32.81
N VAL B 26 -7.68 -3.49 31.57
CA VAL B 26 -8.62 -2.87 30.65
C VAL B 26 -8.97 -3.90 29.58
N LYS B 27 -10.26 -4.11 29.36
CA LYS B 27 -10.73 -5.12 28.43
C LYS B 27 -10.93 -4.51 27.05
N VAL B 28 -10.24 -5.06 26.05
CA VAL B 28 -10.29 -4.56 24.69
C VAL B 28 -10.79 -5.68 23.79
N ALA B 29 -11.92 -5.47 23.13
CA ALA B 29 -12.46 -6.43 22.18
C ALA B 29 -12.00 -6.04 20.78
N VAL B 30 -11.32 -6.97 20.10
CA VAL B 30 -10.92 -6.78 18.72
C VAL B 30 -11.97 -7.48 17.86
N ILE B 31 -12.92 -6.69 17.35
CA ILE B 31 -14.01 -7.19 16.53
C ILE B 31 -13.49 -7.23 15.10
N ASP B 32 -13.11 -8.41 14.64
CA ASP B 32 -12.34 -8.54 13.40
C ASP B 32 -12.34 -10.00 12.94
N SER B 33 -11.25 -10.46 12.35
CA SER B 33 -11.20 -11.77 11.72
C SER B 33 -10.62 -12.86 12.64
N GLY B 34 -10.68 -12.65 13.96
CA GLY B 34 -10.04 -13.55 14.89
C GLY B 34 -8.66 -13.05 15.29
N ILE B 35 -8.05 -13.75 16.24
CA ILE B 35 -6.70 -13.47 16.68
C ILE B 35 -5.94 -14.77 16.83
N ASP B 36 -4.79 -14.86 16.17
CA ASP B 36 -3.91 -16.03 16.35
C ASP B 36 -3.38 -16.03 17.78
N SER B 37 -4.12 -16.66 18.70
CA SER B 37 -3.73 -16.67 20.10
C SER B 37 -2.43 -17.41 20.33
N SER B 38 -2.02 -18.29 19.41
CA SER B 38 -0.77 -19.01 19.55
C SER B 38 0.45 -18.14 19.27
N HIS B 39 0.26 -16.93 18.74
CA HIS B 39 1.39 -16.06 18.46
C HIS B 39 2.16 -15.79 19.75
N PRO B 40 3.48 -15.99 19.78
CA PRO B 40 4.20 -15.86 21.05
C PRO B 40 4.23 -14.43 21.58
N ASP B 41 3.90 -13.43 20.76
CA ASP B 41 3.91 -12.05 21.20
C ASP B 41 2.50 -11.50 21.44
N LEU B 42 1.51 -12.38 21.58
CA LEU B 42 0.14 -11.99 21.87
C LEU B 42 -0.40 -12.84 23.00
N ASN B 43 -1.17 -12.21 23.89
CA ASN B 43 -1.89 -12.91 24.95
C ASN B 43 -3.39 -12.61 24.80
N VAL B 44 -4.13 -13.57 24.28
CA VAL B 44 -5.58 -13.46 24.10
C VAL B 44 -6.24 -14.12 25.31
N ARG B 45 -7.09 -13.37 26.01
CA ARG B 45 -7.69 -13.88 27.24
C ARG B 45 -8.93 -14.71 26.97
N GLY B 46 -9.64 -14.41 25.89
CA GLY B 46 -10.90 -15.05 25.59
C GLY B 46 -11.37 -14.58 24.24
N GLY B 47 -12.56 -15.05 23.87
CA GLY B 47 -13.12 -14.64 22.59
C GLY B 47 -14.38 -15.39 22.28
N ALA B 48 -14.92 -15.08 21.11
CA ALA B 48 -16.14 -15.70 20.61
C ALA B 48 -16.19 -15.48 19.10
N SER B 49 -16.68 -16.50 18.39
CA SER B 49 -16.90 -16.39 16.95
C SER B 49 -18.39 -16.32 16.68
N PHE B 50 -18.76 -15.46 15.73
CA PHE B 50 -20.14 -15.34 15.26
C PHE B 50 -20.19 -15.51 13.75
N VAL B 51 -19.11 -16.06 13.19
CA VAL B 51 -19.06 -16.45 11.80
C VAL B 51 -19.58 -17.90 11.71
N PRO B 52 -20.75 -18.13 11.11
CA PRO B 52 -21.27 -19.51 11.06
C PRO B 52 -20.26 -20.52 10.53
N SER B 53 -19.43 -20.14 9.57
CA SER B 53 -18.54 -21.11 8.92
C SER B 53 -17.23 -21.32 9.66
N GLU B 54 -16.82 -20.41 10.54
CA GLU B 54 -15.52 -20.48 11.21
C GLU B 54 -15.74 -20.22 12.70
N THR B 55 -15.94 -21.29 13.47
CA THR B 55 -16.36 -21.16 14.86
C THR B 55 -15.21 -20.98 15.83
N ASN B 56 -13.97 -20.96 15.37
CA ASN B 56 -12.83 -20.78 16.25
C ASN B 56 -12.36 -19.34 16.17
N PRO B 57 -12.54 -18.53 17.21
CA PRO B 57 -12.13 -17.12 17.12
C PRO B 57 -10.63 -16.93 17.25
N TYR B 58 -9.89 -17.96 17.62
CA TYR B 58 -8.45 -17.86 17.86
C TYR B 58 -7.64 -18.31 16.65
N GLN B 59 -8.29 -18.60 15.54
CA GLN B 59 -7.62 -18.85 14.28
C GLN B 59 -8.00 -17.74 13.30
N ASP B 60 -6.99 -17.17 12.66
CA ASP B 60 -7.14 -15.98 11.83
C ASP B 60 -6.63 -16.32 10.45
N GLY B 61 -7.53 -16.69 9.55
CA GLY B 61 -7.15 -17.00 8.19
C GLY B 61 -6.94 -15.80 7.31
N SER B 62 -7.37 -14.62 7.76
CA SER B 62 -7.15 -13.37 7.05
C SER B 62 -5.82 -12.73 7.40
N SER B 63 -5.44 -12.78 8.68
CA SER B 63 -4.27 -12.10 9.22
C SER B 63 -4.65 -10.72 9.71
N HIS B 64 -5.83 -10.23 9.31
CA HIS B 64 -6.24 -8.86 9.63
C HIS B 64 -6.30 -8.66 11.15
N GLY B 65 -7.13 -9.45 11.83
CA GLY B 65 -7.32 -9.25 13.25
C GLY B 65 -6.04 -9.41 14.05
N THR B 66 -5.19 -10.36 13.67
CA THR B 66 -3.94 -10.58 14.38
C THR B 66 -3.04 -9.36 14.28
N HIS B 67 -2.96 -8.76 13.10
CA HIS B 67 -2.19 -7.53 12.92
C HIS B 67 -2.78 -6.40 13.77
N VAL B 68 -4.10 -6.24 13.70
CA VAL B 68 -4.77 -5.24 14.53
C VAL B 68 -4.42 -5.44 16.00
N ALA B 69 -4.54 -6.69 16.47
CA ALA B 69 -4.32 -6.97 17.89
C ALA B 69 -2.91 -6.66 18.33
N GLY B 70 -1.93 -6.87 17.44
CA GLY B 70 -0.55 -6.58 17.80
C GLY B 70 -0.27 -5.11 17.99
N THR B 71 -0.95 -4.26 17.21
CA THR B 71 -0.80 -2.81 17.40
C THR B 71 -1.37 -2.38 18.74
N ILE B 72 -2.45 -3.03 19.18
CA ILE B 72 -3.06 -2.68 20.45
C ILE B 72 -2.19 -3.15 21.61
N ALA B 73 -1.72 -4.40 21.55
CA ALA B 73 -1.24 -5.05 22.77
C ALA B 73 -0.20 -6.15 22.53
N ALA B 74 0.61 -6.02 21.49
CA ALA B 74 1.77 -6.91 21.39
C ALA B 74 2.57 -6.81 22.68
N LEU B 75 2.97 -7.96 23.21
CA LEU B 75 3.52 -8.02 24.56
C LEU B 75 4.87 -7.33 24.66
N ASN B 76 5.13 -6.75 25.83
CA ASN B 76 6.43 -6.16 26.13
C ASN B 76 7.36 -7.26 26.64
N ASN B 77 8.33 -7.64 25.81
CA ASN B 77 9.19 -8.76 26.14
C ASN B 77 10.45 -8.66 25.29
N SER B 78 11.07 -9.79 24.97
CA SER B 78 12.33 -9.83 24.26
C SER B 78 12.17 -10.12 22.78
N ILE B 79 10.95 -10.14 22.27
CA ILE B 79 10.72 -10.57 20.89
C ILE B 79 9.74 -9.65 20.19
N GLY B 80 9.73 -9.74 18.87
CA GLY B 80 8.65 -9.15 18.08
C GLY B 80 8.57 -7.65 18.24
N VAL B 81 7.36 -7.17 18.52
CA VAL B 81 7.07 -5.74 18.55
C VAL B 81 6.51 -5.37 19.92
N LEU B 82 5.92 -4.19 20.02
CA LEU B 82 5.33 -3.70 21.27
C LEU B 82 4.04 -2.97 20.96
N GLY B 83 2.96 -3.32 21.66
CA GLY B 83 1.70 -2.66 21.46
C GLY B 83 1.60 -1.32 22.17
N VAL B 84 0.55 -0.59 21.83
CA VAL B 84 0.27 0.67 22.53
C VAL B 84 -0.05 0.41 24.00
N ALA B 85 -0.81 -0.66 24.27
CA ALA B 85 -1.20 -1.03 25.63
C ALA B 85 -0.81 -2.49 25.82
N PRO B 86 0.48 -2.77 26.02
CA PRO B 86 0.95 -4.17 26.04
C PRO B 86 0.41 -5.01 27.19
N SER B 87 -0.23 -4.39 28.18
CA SER B 87 -0.82 -5.15 29.29
C SER B 87 -2.34 -5.27 29.18
N ALA B 88 -2.94 -4.75 28.12
CA ALA B 88 -4.39 -4.81 27.96
C ALA B 88 -4.86 -6.25 27.84
N SER B 89 -6.04 -6.52 28.39
CA SER B 89 -6.68 -7.82 28.22
C SER B 89 -7.38 -7.87 26.87
N LEU B 90 -6.89 -8.73 25.98
CA LEU B 90 -7.39 -8.83 24.61
C LEU B 90 -8.45 -9.92 24.49
N TYR B 91 -9.49 -9.64 23.71
CA TYR B 91 -10.54 -10.61 23.44
C TYR B 91 -10.77 -10.67 21.94
N ALA B 92 -10.75 -11.89 21.40
CA ALA B 92 -10.93 -12.11 19.97
C ALA B 92 -12.42 -12.29 19.69
N VAL B 93 -13.02 -11.30 19.04
CA VAL B 93 -14.42 -11.36 18.67
C VAL B 93 -14.50 -11.48 17.15
N LYS B 94 -14.60 -12.71 16.65
CA LYS B 94 -14.55 -12.94 15.21
C LYS B 94 -15.91 -12.63 14.60
N VAL B 95 -15.93 -11.67 13.69
CA VAL B 95 -17.13 -11.35 12.92
C VAL B 95 -16.86 -11.29 11.43
N LEU B 96 -15.63 -11.53 11.01
CA LEU B 96 -15.25 -11.62 9.60
C LEU B 96 -14.63 -12.99 9.35
N ASP B 97 -14.83 -13.51 8.15
CA ASP B 97 -14.26 -14.79 7.80
C ASP B 97 -12.86 -14.58 7.21
N SER B 98 -12.27 -15.65 6.67
CA SER B 98 -10.90 -15.60 6.19
C SER B 98 -10.72 -14.63 5.02
N THR B 99 -11.80 -14.20 4.38
CA THR B 99 -11.69 -13.21 3.32
C THR B 99 -11.54 -11.79 3.82
N GLY B 100 -11.61 -11.58 5.14
CA GLY B 100 -11.59 -10.25 5.71
C GLY B 100 -12.90 -9.49 5.64
N SER B 101 -13.99 -10.15 5.25
CA SER B 101 -15.30 -9.54 5.18
C SER B 101 -16.28 -10.28 6.07
N GLY B 102 -17.42 -9.63 6.34
CA GLY B 102 -18.47 -10.26 7.14
C GLY B 102 -19.80 -9.59 6.90
N GLN B 103 -20.84 -10.23 7.44
CA GLN B 103 -22.20 -9.71 7.35
C GLN B 103 -22.49 -8.84 8.56
N TYR B 104 -23.33 -7.82 8.35
CA TYR B 104 -23.67 -6.91 9.43
C TYR B 104 -24.26 -7.66 10.63
N SER B 105 -24.91 -8.81 10.39
CA SER B 105 -25.48 -9.58 11.49
C SER B 105 -24.40 -10.18 12.38
N TRP B 106 -23.32 -10.69 11.78
CA TRP B 106 -22.24 -11.24 12.58
C TRP B 106 -21.55 -10.15 13.40
N ILE B 107 -21.33 -8.98 12.78
CA ILE B 107 -20.74 -7.86 13.49
C ILE B 107 -21.61 -7.44 14.65
N ILE B 108 -22.93 -7.36 14.42
CA ILE B 108 -23.86 -6.94 15.47
C ILE B 108 -23.79 -7.90 16.65
N ASN B 109 -23.81 -9.20 16.39
CA ASN B 109 -23.72 -10.18 17.47
C ASN B 109 -22.38 -10.04 18.20
N GLY B 110 -21.31 -9.81 17.46
CA GLY B 110 -20.03 -9.55 18.09
C GLY B 110 -20.09 -8.36 19.04
N ILE B 111 -20.76 -7.29 18.60
CA ILE B 111 -20.92 -6.12 19.46
C ILE B 111 -21.76 -6.45 20.68
N GLU B 112 -22.87 -7.18 20.48
CA GLU B 112 -23.71 -7.58 21.60
C GLU B 112 -22.92 -8.42 22.59
N TRP B 113 -22.07 -9.32 22.10
CA TRP B 113 -21.20 -10.08 22.97
C TRP B 113 -20.27 -9.15 23.75
N ALA B 114 -19.77 -8.11 23.09
CA ALA B 114 -18.92 -7.14 23.78
C ALA B 114 -19.68 -6.44 24.88
N ILE B 115 -20.94 -6.06 24.63
CA ILE B 115 -21.75 -5.42 25.67
C ILE B 115 -22.00 -6.39 26.82
N SER B 116 -22.50 -7.58 26.50
CA SER B 116 -22.87 -8.52 27.55
C SER B 116 -21.70 -8.89 28.45
N ASN B 117 -20.47 -8.79 27.94
CA ASN B 117 -19.29 -9.23 28.67
C ASN B 117 -18.43 -8.07 29.19
N ASN B 118 -18.98 -6.87 29.21
CA ASN B 118 -18.37 -5.75 29.94
C ASN B 118 -16.99 -5.39 29.40
N MET B 119 -16.85 -5.39 28.09
CA MET B 119 -15.66 -4.85 27.47
C MET B 119 -15.57 -3.34 27.73
N ASP B 120 -14.35 -2.85 27.88
CA ASP B 120 -14.15 -1.41 28.06
C ASP B 120 -13.97 -0.69 26.73
N VAL B 121 -13.34 -1.35 25.75
CA VAL B 121 -12.99 -0.75 24.48
C VAL B 121 -13.31 -1.72 23.36
N ILE B 122 -13.90 -1.19 22.29
CA ILE B 122 -14.16 -1.95 21.07
C ILE B 122 -13.33 -1.35 19.94
N ASN B 123 -12.53 -2.18 19.28
CA ASN B 123 -11.82 -1.80 18.06
C ASN B 123 -12.55 -2.40 16.87
N MET B 124 -12.99 -1.55 15.95
CA MET B 124 -13.64 -2.02 14.73
C MET B 124 -12.88 -1.46 13.54
N SER B 125 -11.85 -2.20 13.10
CA SER B 125 -11.12 -1.89 11.87
C SER B 125 -11.85 -2.50 10.68
N LEU B 126 -13.08 -2.04 10.48
CA LEU B 126 -13.95 -2.60 9.45
C LEU B 126 -15.00 -1.56 9.12
N GLY B 127 -15.72 -1.79 8.04
CA GLY B 127 -16.81 -0.92 7.68
C GLY B 127 -17.25 -1.13 6.25
N GLY B 128 -18.27 -0.36 5.87
CA GLY B 128 -18.83 -0.41 4.55
C GLY B 128 -19.49 0.91 4.22
N PRO B 129 -19.85 1.10 2.95
CA PRO B 129 -20.45 2.38 2.54
C PRO B 129 -21.94 2.48 2.79
N SER B 130 -22.59 1.38 3.13
CA SER B 130 -24.04 1.36 3.34
C SER B 130 -24.33 1.28 4.82
N GLY B 131 -25.30 2.06 5.27
CA GLY B 131 -25.68 2.06 6.66
C GLY B 131 -26.55 0.89 7.02
N SER B 132 -26.95 0.85 8.28
CA SER B 132 -27.83 -0.19 8.78
C SER B 132 -28.39 0.29 10.11
N THR B 133 -29.71 0.43 10.18
CA THR B 133 -30.34 0.87 11.42
C THR B 133 -30.03 -0.07 12.58
N ALA B 134 -30.09 -1.38 12.32
CA ALA B 134 -29.73 -2.35 13.36
C ALA B 134 -28.29 -2.17 13.79
N LEU B 135 -27.41 -1.84 12.86
CA LEU B 135 -26.01 -1.61 13.22
C LEU B 135 -25.87 -0.38 14.10
N LYS B 136 -26.44 0.75 13.67
CA LYS B 136 -26.36 1.96 14.49
C LYS B 136 -26.94 1.71 15.87
N THR B 137 -28.05 0.96 15.95
CA THR B 137 -28.70 0.73 17.23
C THR B 137 -27.77 0.01 18.20
N VAL B 138 -27.04 -1.02 17.72
CA VAL B 138 -26.21 -1.78 18.64
C VAL B 138 -24.93 -1.03 18.97
N VAL B 139 -24.40 -0.24 18.02
CA VAL B 139 -23.23 0.58 18.31
C VAL B 139 -23.56 1.63 19.36
N ASP B 140 -24.69 2.34 19.18
CA ASP B 140 -25.11 3.31 20.16
C ASP B 140 -25.34 2.65 21.51
N LYS B 141 -25.96 1.47 21.51
CA LYS B 141 -26.18 0.74 22.75
C LYS B 141 -24.87 0.48 23.47
N ALA B 142 -23.84 0.09 22.73
CA ALA B 142 -22.52 -0.14 23.33
C ALA B 142 -21.99 1.16 23.94
N VAL B 143 -22.10 2.26 23.22
CA VAL B 143 -21.57 3.54 23.70
C VAL B 143 -22.36 4.01 24.91
N SER B 144 -23.69 3.88 24.88
CA SER B 144 -24.49 4.21 26.05
C SER B 144 -24.17 3.29 27.22
N SER B 145 -23.64 2.10 26.95
CA SER B 145 -23.23 1.18 28.00
C SER B 145 -21.85 1.50 28.57
N GLY B 146 -21.17 2.50 28.03
CA GLY B 146 -19.89 2.93 28.56
C GLY B 146 -18.66 2.52 27.76
N ILE B 147 -18.85 1.86 26.63
CA ILE B 147 -17.71 1.34 25.87
C ILE B 147 -17.15 2.43 24.97
N VAL B 148 -15.82 2.54 24.94
CA VAL B 148 -15.14 3.36 23.95
C VAL B 148 -15.08 2.57 22.65
N VAL B 149 -15.61 3.14 21.57
CA VAL B 149 -15.71 2.44 20.30
C VAL B 149 -14.88 3.21 19.27
N ALA B 150 -13.80 2.60 18.81
CA ALA B 150 -12.93 3.18 17.78
C ALA B 150 -13.16 2.44 16.48
N ALA B 151 -13.32 3.20 15.40
CA ALA B 151 -13.75 2.66 14.11
C ALA B 151 -12.94 3.30 12.99
N ALA B 152 -12.57 2.48 12.01
CA ALA B 152 -11.79 2.97 10.87
C ALA B 152 -12.63 3.87 9.98
N ALA B 153 -12.10 5.04 9.65
CA ALA B 153 -12.83 5.99 8.82
C ALA B 153 -13.06 5.42 7.42
N GLY B 154 -12.17 4.53 6.96
CA GLY B 154 -12.31 3.98 5.63
C GLY B 154 -11.13 4.32 4.74
N ASN B 155 -10.96 3.58 3.66
CA ASN B 155 -9.84 3.75 2.74
C ASN B 155 -10.31 4.18 1.36
N GLU B 156 -11.28 5.10 1.32
CA GLU B 156 -11.93 5.48 0.07
C GLU B 156 -11.53 6.89 -0.38
N GLY B 157 -10.41 7.38 0.10
CA GLY B 157 -9.97 8.73 -0.20
C GLY B 157 -9.11 8.90 -1.42
N GLN B 158 -8.75 7.81 -2.11
CA GLN B 158 -7.72 7.91 -3.12
C GLN B 158 -8.18 8.70 -4.34
N HIS B 159 -9.46 8.63 -4.67
CA HIS B 159 -10.00 9.29 -5.86
C HIS B 159 -10.87 10.45 -5.44
N PRO B 160 -10.45 11.70 -5.68
CA PRO B 160 -11.20 12.84 -5.13
C PRO B 160 -12.68 12.73 -5.43
N LYS B 161 -13.49 12.86 -4.38
CA LYS B 161 -14.93 12.78 -4.50
C LYS B 161 -15.57 14.01 -3.88
N GLU B 162 -16.83 14.23 -4.20
CA GLU B 162 -17.65 15.23 -3.53
C GLU B 162 -18.33 14.57 -2.34
N GLY B 163 -18.24 15.21 -1.17
CA GLY B 163 -18.85 14.68 0.02
C GLY B 163 -17.93 13.76 0.80
N SER B 164 -18.50 13.16 1.83
CA SER B 164 -17.74 12.32 2.74
C SER B 164 -17.56 10.91 2.17
N THR B 165 -16.37 10.36 2.40
CA THR B 165 -16.07 8.97 2.07
C THR B 165 -15.89 8.12 3.32
N VAL B 166 -16.31 8.63 4.49
CA VAL B 166 -16.17 7.90 5.74
C VAL B 166 -17.20 6.78 5.77
N GLY B 167 -16.75 5.57 6.05
CA GLY B 167 -17.65 4.43 6.04
C GLY B 167 -18.35 4.22 7.37
N TYR B 168 -19.30 3.28 7.36
CA TYR B 168 -20.06 2.91 8.55
C TYR B 168 -19.35 1.77 9.28
N PRO B 169 -19.32 1.76 10.62
CA PRO B 169 -19.99 2.66 11.59
C PRO B 169 -19.19 3.88 12.02
N ALA B 170 -18.04 4.13 11.39
CA ALA B 170 -17.28 5.32 11.72
C ALA B 170 -18.08 6.59 11.49
N LYS B 171 -18.99 6.58 10.51
CA LYS B 171 -19.79 7.76 10.20
C LYS B 171 -20.72 8.14 11.35
N TYR B 172 -21.08 7.19 12.20
CA TYR B 172 -22.01 7.45 13.28
C TYR B 172 -21.36 8.36 14.32
N PRO B 173 -22.10 9.30 14.90
CA PRO B 173 -21.49 10.20 15.89
C PRO B 173 -20.97 9.50 17.13
N SER B 174 -21.53 8.34 17.49
CA SER B 174 -21.14 7.67 18.73
C SER B 174 -19.78 7.00 18.64
N THR B 175 -19.24 6.81 17.43
CA THR B 175 -17.95 6.16 17.27
C THR B 175 -16.86 7.18 16.99
N ILE B 176 -15.65 6.84 17.41
CA ILE B 176 -14.46 7.62 17.06
C ILE B 176 -13.97 7.15 15.70
N ALA B 177 -14.11 8.00 14.68
CA ALA B 177 -13.66 7.69 13.33
C ALA B 177 -12.18 8.07 13.19
N VAL B 178 -11.37 7.11 12.74
CA VAL B 178 -9.91 7.25 12.77
C VAL B 178 -9.36 7.17 11.35
N GLY B 179 -8.65 8.22 10.94
CA GLY B 179 -7.95 8.26 9.69
C GLY B 179 -6.45 7.98 9.85
N ALA B 180 -5.76 7.95 8.72
CA ALA B 180 -4.38 7.48 8.68
C ALA B 180 -3.42 8.56 8.22
N VAL B 181 -2.32 8.73 8.96
CA VAL B 181 -1.19 9.56 8.55
C VAL B 181 0.05 8.67 8.42
N ASN B 182 1.08 9.23 7.79
CA ASN B 182 2.37 8.56 7.74
C ASN B 182 3.25 9.08 8.88
N SER B 183 4.54 8.72 8.88
CA SER B 183 5.42 9.10 9.98
C SER B 183 5.77 10.57 9.97
N SER B 184 5.49 11.29 8.89
CA SER B 184 5.64 12.74 8.84
C SER B 184 4.33 13.47 9.11
N ASN B 185 3.31 12.75 9.55
CA ASN B 185 1.99 13.28 9.88
C ASN B 185 1.20 13.73 8.66
N GLN B 186 1.58 13.27 7.47
CA GLN B 186 0.82 13.55 6.26
C GLN B 186 -0.29 12.52 6.09
N ARG B 187 -1.48 13.01 5.75
CA ARG B 187 -2.61 12.12 5.49
C ARG B 187 -2.27 11.14 4.36
N ALA B 188 -2.56 9.86 4.59
CA ALA B 188 -2.39 8.87 3.54
C ALA B 188 -3.38 9.15 2.42
N SER B 189 -2.95 8.92 1.18
CA SER B 189 -3.78 9.26 0.04
C SER B 189 -5.11 8.53 0.06
N PHE B 190 -5.14 7.32 0.65
CA PHE B 190 -6.35 6.51 0.66
C PHE B 190 -7.26 6.81 1.84
N SER B 191 -6.81 7.58 2.81
CA SER B 191 -7.58 7.77 4.04
C SER B 191 -8.88 8.50 3.73
N SER B 192 -10.00 7.88 4.08
CA SER B 192 -11.30 8.52 3.89
C SER B 192 -11.34 9.84 4.64
N ALA B 193 -12.15 10.76 4.14
CA ALA B 193 -12.26 12.11 4.70
C ALA B 193 -13.72 12.50 4.76
N GLY B 194 -14.03 13.40 5.67
CA GLY B 194 -15.40 13.83 5.86
C GLY B 194 -15.57 14.55 7.18
N SER B 195 -16.74 15.18 7.33
CA SER B 195 -17.04 15.91 8.56
C SER B 195 -17.13 14.98 9.76
N GLU B 196 -17.36 13.69 9.54
CA GLU B 196 -17.43 12.70 10.61
C GLU B 196 -16.07 12.24 11.09
N LEU B 197 -14.99 12.70 10.46
CA LEU B 197 -13.64 12.33 10.86
C LEU B 197 -13.29 12.97 12.20
N ASP B 198 -12.67 12.19 13.07
CA ASP B 198 -12.38 12.63 14.44
C ASP B 198 -10.91 12.84 14.71
N VAL B 199 -10.06 11.83 14.46
CA VAL B 199 -8.64 11.95 14.72
C VAL B 199 -7.86 11.13 13.69
N MET B 200 -6.54 11.32 13.71
CA MET B 200 -5.63 10.58 12.85
C MET B 200 -4.67 9.78 13.71
N ALA B 201 -4.20 8.67 13.17
CA ALA B 201 -3.19 7.85 13.83
C ALA B 201 -2.33 7.21 12.77
N PRO B 202 -1.16 6.68 13.14
CA PRO B 202 -0.26 6.10 12.14
C PRO B 202 -0.92 4.95 11.40
N GLY B 203 -0.93 5.02 10.08
CA GLY B 203 -1.59 4.03 9.27
C GLY B 203 -0.90 3.69 7.96
N VAL B 204 0.40 3.95 7.89
CA VAL B 204 1.20 3.65 6.70
C VAL B 204 2.38 2.81 7.14
N SER B 205 2.51 1.61 6.56
CA SER B 205 3.66 0.75 6.82
C SER B 205 3.77 0.42 8.31
N ILE B 206 2.67 -0.08 8.87
CA ILE B 206 2.57 -0.39 10.29
C ILE B 206 3.00 -1.84 10.51
N GLN B 207 4.15 -2.04 11.14
CA GLN B 207 4.65 -3.36 11.48
C GLN B 207 3.93 -3.92 12.70
N SER B 208 3.41 -5.14 12.57
CA SER B 208 2.74 -5.77 13.71
C SER B 208 2.75 -7.28 13.53
N THR B 209 2.04 -7.98 14.42
CA THR B 209 2.03 -9.43 14.47
C THR B 209 1.21 -10.01 13.33
N LEU B 210 1.62 -11.17 12.85
CA LEU B 210 0.91 -11.89 11.81
C LEU B 210 0.79 -13.35 12.20
N PRO B 211 -0.27 -14.04 11.75
CA PRO B 211 -0.46 -15.43 12.14
C PRO B 211 0.77 -16.26 11.82
N GLY B 212 1.06 -17.23 12.67
CA GLY B 212 2.24 -18.04 12.52
C GLY B 212 3.46 -17.54 13.26
N GLY B 213 3.30 -16.58 14.16
CA GLY B 213 4.41 -16.08 14.92
C GLY B 213 5.37 -15.20 14.16
N THR B 214 4.92 -14.58 13.09
CA THR B 214 5.76 -13.71 12.27
C THR B 214 5.23 -12.27 12.33
N TYR B 215 5.78 -11.40 11.48
CA TYR B 215 5.53 -9.97 11.54
C TYR B 215 5.56 -9.39 10.12
N GLY B 216 4.82 -8.30 9.93
CA GLY B 216 4.76 -7.65 8.63
C GLY B 216 4.07 -6.31 8.73
N ALA B 217 4.23 -5.52 7.67
CA ALA B 217 3.74 -4.15 7.62
C ALA B 217 2.57 -4.01 6.66
N TYR B 218 1.54 -3.27 7.08
CA TYR B 218 0.36 -3.03 6.27
C TYR B 218 0.02 -1.54 6.26
N ASN B 219 -0.80 -1.14 5.31
CA ASN B 219 -1.38 0.20 5.28
C ASN B 219 -2.89 0.13 5.48
N GLY B 220 -3.43 1.15 6.11
CA GLY B 220 -4.87 1.37 6.16
C GLY B 220 -5.27 2.11 7.40
N THR B 221 -6.45 2.75 7.34
CA THR B 221 -7.06 3.24 8.56
C THR B 221 -7.36 2.09 9.51
N CYS B 222 -7.48 0.88 8.99
CA CYS B 222 -7.63 -0.30 9.82
C CYS B 222 -6.42 -0.47 10.74
N MET B 223 -5.26 0.02 10.31
CA MET B 223 -4.04 -0.02 11.11
C MET B 223 -3.92 1.20 12.01
N ALA B 224 -4.52 2.33 11.64
CA ALA B 224 -4.50 3.50 12.50
C ALA B 224 -5.42 3.30 13.71
N THR B 225 -6.60 2.72 13.48
CA THR B 225 -7.60 2.56 14.54
C THR B 225 -7.06 1.88 15.80
N PRO B 226 -6.31 0.77 15.72
CA PRO B 226 -5.81 0.16 16.96
C PRO B 226 -4.87 1.03 17.77
N HIS B 227 -4.24 2.04 17.17
CA HIS B 227 -3.48 3.00 17.96
C HIS B 227 -4.39 3.77 18.91
N VAL B 228 -5.60 4.10 18.44
CA VAL B 228 -6.54 4.85 19.26
C VAL B 228 -7.20 3.95 20.29
N ALA B 229 -7.60 2.75 19.88
CA ALA B 229 -8.12 1.77 20.85
C ALA B 229 -7.10 1.53 21.95
N GLY B 230 -5.85 1.27 21.58
CA GLY B 230 -4.80 1.11 22.57
C GLY B 230 -4.61 2.34 23.44
N ALA B 231 -4.70 3.52 22.82
CA ALA B 231 -4.58 4.76 23.58
C ALA B 231 -5.67 4.86 24.64
N ALA B 232 -6.89 4.46 24.30
CA ALA B 232 -7.98 4.46 25.28
C ALA B 232 -7.66 3.54 26.44
N ALA B 233 -7.08 2.38 26.17
CA ALA B 233 -6.76 1.43 27.23
C ALA B 233 -5.69 1.99 28.15
N LEU B 234 -4.66 2.64 27.59
CA LEU B 234 -3.68 3.31 28.42
C LEU B 234 -4.33 4.32 29.34
N ILE B 235 -5.16 5.21 28.77
CA ILE B 235 -5.78 6.27 29.56
C ILE B 235 -6.60 5.67 30.70
N LEU B 236 -7.39 4.63 30.39
CA LEU B 236 -8.27 4.04 31.40
C LEU B 236 -7.49 3.30 32.47
N SER B 237 -6.34 2.71 32.10
CA SER B 237 -5.51 2.09 33.14
C SER B 237 -4.94 3.15 34.08
N LYS B 238 -4.82 4.39 33.63
CA LYS B 238 -4.37 5.48 34.49
C LYS B 238 -5.53 6.21 35.15
N HIS B 239 -6.66 6.33 34.46
CA HIS B 239 -7.83 7.05 34.95
C HIS B 239 -9.03 6.12 34.85
N PRO B 240 -9.08 5.08 35.69
CA PRO B 240 -10.15 4.07 35.55
C PRO B 240 -11.54 4.60 35.83
N THR B 241 -11.69 5.80 36.39
CA THR B 241 -13.02 6.36 36.62
C THR B 241 -13.55 7.17 35.45
N TRP B 242 -12.71 7.48 34.47
CA TRP B 242 -13.17 8.32 33.36
C TRP B 242 -14.21 7.57 32.52
N THR B 243 -15.22 8.31 32.07
CA THR B 243 -16.22 7.77 31.16
C THR B 243 -15.65 7.66 29.76
N ASN B 244 -16.33 6.88 28.92
CA ASN B 244 -15.94 6.78 27.52
C ASN B 244 -16.06 8.14 26.82
N ALA B 245 -16.94 9.01 27.32
CA ALA B 245 -17.06 10.35 26.75
C ALA B 245 -15.87 11.21 27.14
N GLN B 246 -15.47 11.17 28.41
CA GLN B 246 -14.27 11.88 28.83
C GLN B 246 -13.05 11.39 28.06
N VAL B 247 -12.91 10.06 27.96
CA VAL B 247 -11.76 9.49 27.24
C VAL B 247 -11.73 10.01 25.81
N ARG B 248 -12.89 10.01 25.15
CA ARG B 248 -12.94 10.50 23.77
C ARG B 248 -12.64 12.00 23.72
N ASP B 249 -13.23 12.78 24.64
CA ASP B 249 -12.99 14.21 24.63
C ASP B 249 -11.51 14.52 24.79
N ARG B 250 -10.82 13.76 25.65
CA ARG B 250 -9.39 13.98 25.85
C ARG B 250 -8.60 13.64 24.60
N LEU B 251 -8.89 12.50 23.98
CA LEU B 251 -8.14 12.09 22.79
C LEU B 251 -8.30 13.10 21.65
N GLU B 252 -9.52 13.60 21.46
CA GLU B 252 -9.76 14.54 20.37
C GLU B 252 -9.19 15.92 20.68
N SER B 253 -9.39 16.40 21.91
CA SER B 253 -9.07 17.79 22.21
C SER B 253 -7.58 18.02 22.44
N THR B 254 -6.82 17.00 22.85
CA THR B 254 -5.38 17.18 23.03
C THR B 254 -4.58 16.69 21.82
N ALA B 255 -5.25 16.33 20.74
CA ALA B 255 -4.55 15.90 19.54
C ALA B 255 -3.72 17.03 18.96
N THR B 256 -2.68 16.66 18.23
CA THR B 256 -1.83 17.63 17.52
C THR B 256 -2.51 18.07 16.23
N TYR B 257 -2.84 19.36 16.15
CA TYR B 257 -3.51 19.91 14.98
C TYR B 257 -2.64 19.79 13.74
N LEU B 258 -3.22 19.25 12.66
CA LEU B 258 -2.50 19.02 11.42
C LEU B 258 -3.06 19.80 10.24
N GLY B 259 -4.19 20.47 10.41
CA GLY B 259 -4.80 21.21 9.33
C GLY B 259 -6.25 20.83 9.14
N ASN B 260 -6.78 21.17 7.97
CA ASN B 260 -8.21 21.06 7.66
C ASN B 260 -8.81 19.78 8.21
N SER B 261 -9.73 19.93 9.16
CA SER B 261 -10.29 18.79 9.88
C SER B 261 -11.13 17.87 8.98
N PHE B 262 -11.59 18.36 7.83
CA PHE B 262 -12.25 17.46 6.87
C PHE B 262 -11.33 16.31 6.50
N TYR B 263 -10.02 16.57 6.47
CA TYR B 263 -9.02 15.57 6.11
C TYR B 263 -8.26 15.02 7.31
N TYR B 264 -8.25 15.75 8.43
CA TYR B 264 -7.42 15.40 9.57
C TYR B 264 -8.19 15.28 10.88
N GLY B 265 -9.49 15.52 10.89
CA GLY B 265 -10.18 15.62 12.16
C GLY B 265 -9.50 16.61 13.07
N LYS B 266 -9.50 16.30 14.37
CA LYS B 266 -8.77 17.14 15.33
C LYS B 266 -7.27 16.99 15.23
N GLY B 267 -6.78 16.01 14.47
CA GLY B 267 -5.36 15.80 14.32
C GLY B 267 -4.87 14.45 14.83
N LEU B 268 -3.56 14.36 15.05
CA LEU B 268 -2.93 13.12 15.47
C LEU B 268 -3.05 12.98 16.98
N ILE B 269 -3.51 11.81 17.44
CA ILE B 269 -3.70 11.63 18.86
C ILE B 269 -2.35 11.73 19.58
N ASN B 270 -2.41 12.16 20.83
CA ASN B 270 -1.23 12.35 21.67
C ASN B 270 -1.63 11.82 23.05
N VAL B 271 -1.34 10.54 23.30
CA VAL B 271 -1.85 9.92 24.52
C VAL B 271 -1.18 10.46 25.76
N GLN B 272 0.04 11.00 25.63
CA GLN B 272 0.69 11.64 26.77
C GLN B 272 -0.11 12.84 27.23
N ALA B 273 -0.50 13.73 26.31
CA ALA B 273 -1.28 14.90 26.67
C ALA B 273 -2.70 14.51 27.08
N ALA B 274 -3.30 13.56 26.36
CA ALA B 274 -4.66 13.14 26.68
C ALA B 274 -4.76 12.64 28.12
N ALA B 275 -3.73 11.97 28.60
CA ALA B 275 -3.78 11.31 29.90
C ALA B 275 -3.17 12.15 31.02
N GLN B 276 -2.76 13.38 30.75
CA GLN B 276 -2.17 14.20 31.80
C GLN B 276 -3.22 14.67 32.78
N SER B 277 -2.85 14.76 34.05
CA SER B 277 -3.77 15.20 35.09
C SER B 277 -3.14 16.38 35.82
CA CA C . -4.55 6.96 -27.54
C1 EDO D . 15.32 -0.82 -28.22
O1 EDO D . 16.00 -0.28 -27.07
C2 EDO D . 15.17 0.27 -29.27
O2 EDO D . 16.29 0.25 -30.18
H11 EDO D . 15.89 -1.65 -28.63
H12 EDO D . 14.33 -1.19 -27.93
HO1 EDO D . 16.04 -0.96 -26.37
H21 EDO D . 14.24 0.12 -29.83
H22 EDO D . 15.11 1.25 -28.80
HO2 EDO D . 16.29 1.05 -30.71
C1 EDO E . 3.88 -8.49 4.46
O1 EDO E . 2.65 -8.91 5.05
C2 EDO E . 3.65 -8.10 3.00
O2 EDO E . 3.10 -6.78 2.93
H11 EDO E . 4.29 -7.63 5.01
H12 EDO E . 4.61 -9.29 4.51
HO1 EDO E . 2.83 -9.26 5.93
H21 EDO E . 4.59 -8.14 2.45
H22 EDO E . 2.97 -8.81 2.53
HO2 EDO E . 3.19 -6.44 2.03
CA CA F . 7.19 -8.08 22.01
C1 EDO G . -5.48 25.02 6.07
O1 EDO G . -6.80 24.58 6.44
C2 EDO G . -4.48 23.97 6.50
O2 EDO G . -4.87 22.69 5.97
H11 EDO G . -5.42 25.17 5.00
H12 EDO G . -5.25 25.97 6.56
HO1 EDO G . -7.44 25.28 6.22
H21 EDO G . -3.48 24.23 6.15
H22 EDO G . -4.44 23.91 7.60
HO2 EDO G . -4.24 22.01 6.26
C1 EDO H . -6.01 16.26 38.70
O1 EDO H . -5.69 15.10 39.47
C2 EDO H . -5.03 17.38 39.02
O2 EDO H . -3.69 16.95 38.73
H11 EDO H . -5.96 16.03 37.63
H12 EDO H . -7.02 16.59 38.93
HO1 EDO H . -6.29 14.39 39.23
H21 EDO H . -5.27 18.28 38.44
H22 EDO H . -5.10 17.65 40.09
HO2 EDO H . -3.07 17.66 38.94
#